data_6N3E
#
_entry.id   6N3E
#
_cell.length_a   58.370
_cell.length_b   58.370
_cell.length_c   97.310
_cell.angle_alpha   90.000
_cell.angle_beta   90.000
_cell.angle_gamma   120.000
#
_symmetry.space_group_name_H-M   'P 32 2 1'
#
loop_
_entity.id
_entity.type
_entity.pdbx_description
1 polymer 'HIV Tat-specific factor 1'
2 polymer 'SF3b1 U2AF ligand motif'
3 non-polymer GLYCEROL
4 non-polymer 'FORMIC ACID'
5 water water
#
loop_
_entity_poly.entity_id
_entity_poly.type
_entity_poly.pdbx_seq_one_letter_code
_entity_poly.pdbx_strand_id
1 'polypeptide(L)'
;GSMRHERVVIIKNMFHPMDFEDDPLVLNEIREDLRVECSKFGQIRKLLLFDRHPDGVASVSFRDPEEADYCIQTLDGRWF
GGRQITAQAWDGTTDY
;
A
2 'polypeptide(L)' NRWDETP B
#
loop_
_chem_comp.id
_chem_comp.type
_chem_comp.name
_chem_comp.formula
FMT non-polymer 'FORMIC ACID' 'C H2 O2'
GOL non-polymer GLYCEROL 'C3 H8 O3'
#
# COMPACT_ATOMS: atom_id res chain seq x y z
CA MET A 3 -5.46 -23.85 1.29
C MET A 3 -5.98 -22.42 1.15
N ARG A 4 -5.18 -21.44 1.58
CA ARG A 4 -5.53 -20.03 1.42
C ARG A 4 -4.93 -19.49 0.13
N HIS A 5 -5.78 -18.82 -0.67
CA HIS A 5 -5.41 -18.19 -1.95
C HIS A 5 -5.39 -16.69 -1.68
N GLU A 6 -4.21 -16.11 -1.49
CA GLU A 6 -4.13 -14.84 -0.79
C GLU A 6 -4.49 -13.69 -1.73
N ARG A 7 -5.43 -12.86 -1.29
CA ARG A 7 -5.84 -11.68 -2.05
C ARG A 7 -5.36 -10.39 -1.41
N VAL A 8 -4.74 -10.47 -0.23
CA VAL A 8 -4.39 -9.27 0.52
C VAL A 8 -2.91 -8.99 0.34
N VAL A 9 -2.60 -7.74 0.04
CA VAL A 9 -1.22 -7.28 -0.14
C VAL A 9 -0.90 -6.34 1.00
N ILE A 10 0.21 -6.61 1.68
CA ILE A 10 0.74 -5.74 2.71
C ILE A 10 1.89 -4.91 2.14
N ILE A 11 1.75 -3.60 2.18
CA ILE A 11 2.75 -2.66 1.67
C ILE A 11 3.36 -1.97 2.87
N LYS A 12 4.70 -1.83 2.87
CA LYS A 12 5.39 -1.20 3.99
C LYS A 12 6.37 -0.14 3.51
N ASN A 13 6.69 0.75 4.43
CA ASN A 13 7.57 1.89 4.26
C ASN A 13 6.97 2.95 3.35
N MET A 14 5.65 3.07 3.38
CA MET A 14 4.99 4.06 2.54
C MET A 14 5.00 5.45 3.15
N PHE A 15 5.29 5.55 4.43
CA PHE A 15 5.24 6.80 5.16
C PHE A 15 5.81 6.51 6.54
N HIS A 16 5.95 7.55 7.35
CA HIS A 16 6.13 7.42 8.79
C HIS A 16 5.04 8.26 9.46
N PRO A 17 4.48 7.82 10.58
CA PRO A 17 3.34 8.55 11.17
C PRO A 17 3.62 10.01 11.46
N MET A 18 4.88 10.38 11.64
CA MET A 18 5.24 11.79 11.86
C MET A 18 4.92 12.64 10.65
N ASP A 19 4.80 12.01 9.48
CA ASP A 19 4.43 12.72 8.27
C ASP A 19 3.09 13.42 8.40
N PHE A 20 2.18 12.87 9.20
CA PHE A 20 0.84 13.42 9.35
C PHE A 20 0.72 14.37 10.54
N GLU A 21 1.81 14.55 11.29
CA GLU A 21 1.79 15.39 12.48
C GLU A 21 1.53 16.85 12.11
N ASP A 22 2.19 17.34 11.06
CA ASP A 22 2.19 18.76 10.74
C ASP A 22 1.57 19.04 9.38
N ASP A 23 0.96 18.04 8.74
CA ASP A 23 0.14 18.40 7.60
C ASP A 23 -1.08 17.49 7.61
N PRO A 24 -2.26 18.02 7.90
CA PRO A 24 -3.45 17.15 8.02
C PRO A 24 -3.95 16.60 6.69
N LEU A 25 -3.37 17.03 5.56
CA LEU A 25 -3.83 16.63 4.24
C LEU A 25 -2.99 15.51 3.63
N VAL A 26 -1.82 15.21 4.18
CA VAL A 26 -0.92 14.25 3.56
C VAL A 26 -1.53 12.84 3.59
N LEU A 27 -2.13 12.47 4.73
CA LEU A 27 -2.72 11.14 4.86
C LEU A 27 -3.71 10.84 3.73
N ASN A 28 -4.66 11.73 3.50
N ASN A 28 -4.66 11.73 3.50
CA ASN A 28 -5.65 11.50 2.45
CA ASN A 28 -5.65 11.48 2.44
C ASN A 28 -5.02 11.52 1.07
C ASN A 28 -5.01 11.51 1.06
N GLU A 29 -3.97 12.32 0.87
CA GLU A 29 -3.30 12.33 -0.42
C GLU A 29 -2.58 11.00 -0.70
N ILE A 30 -1.89 10.46 0.30
CA ILE A 30 -1.25 9.15 0.15
C ILE A 30 -2.29 8.06 -0.07
N ARG A 31 -3.38 8.11 0.69
CA ARG A 31 -4.44 7.12 0.52
C ARG A 31 -4.94 7.13 -0.92
N GLU A 32 -5.18 8.31 -1.46
CA GLU A 32 -5.70 8.37 -2.82
C GLU A 32 -4.64 7.95 -3.84
N ASP A 33 -3.39 8.38 -3.64
CA ASP A 33 -2.28 7.94 -4.50
C ASP A 33 -2.25 6.42 -4.62
N LEU A 34 -2.39 5.74 -3.49
CA LEU A 34 -2.33 4.28 -3.48
C LEU A 34 -3.55 3.69 -4.18
N ARG A 35 -4.72 4.22 -3.89
CA ARG A 35 -5.94 3.71 -4.50
C ARG A 35 -5.89 3.85 -6.02
N VAL A 36 -5.45 5.01 -6.51
CA VAL A 36 -5.39 5.21 -7.96
C VAL A 36 -4.43 4.23 -8.61
N GLU A 37 -3.26 4.06 -8.02
CA GLU A 37 -2.30 3.11 -8.60
C GLU A 37 -2.82 1.68 -8.50
N CYS A 38 -3.34 1.29 -7.34
CA CYS A 38 -3.72 -0.10 -7.19
C CYS A 38 -4.93 -0.48 -8.02
N SER A 39 -5.76 0.48 -8.41
N SER A 39 -5.75 0.49 -8.40
CA SER A 39 -6.94 0.15 -9.22
CA SER A 39 -6.93 0.22 -9.22
C SER A 39 -6.56 -0.37 -10.59
C SER A 39 -6.53 -0.43 -10.54
N LYS A 40 -5.30 -0.16 -11.02
CA LYS A 40 -4.83 -0.77 -12.26
C LYS A 40 -4.54 -2.26 -12.11
N PHE A 41 -4.38 -2.73 -10.89
CA PHE A 41 -4.00 -4.11 -10.66
C PHE A 41 -5.20 -5.04 -10.49
N GLY A 42 -6.35 -4.52 -10.08
CA GLY A 42 -7.51 -5.37 -9.83
C GLY A 42 -8.60 -4.58 -9.14
N GLN A 43 -9.75 -5.23 -9.00
CA GLN A 43 -10.85 -4.67 -8.21
C GLN A 43 -10.44 -4.64 -6.74
N ILE A 44 -10.46 -3.44 -6.16
CA ILE A 44 -10.09 -3.28 -4.76
C ILE A 44 -11.32 -3.55 -3.91
N ARG A 45 -11.21 -4.49 -2.98
CA ARG A 45 -12.30 -4.75 -2.06
C ARG A 45 -12.17 -3.91 -0.82
N LYS A 46 -10.93 -3.73 -0.32
CA LYS A 46 -10.68 -2.94 0.88
C LYS A 46 -9.27 -2.34 0.81
N LEU A 47 -9.15 -1.08 1.19
CA LEU A 47 -7.84 -0.44 1.24
C LEU A 47 -7.73 0.24 2.58
N LEU A 48 -6.68 -0.07 3.33
CA LEU A 48 -6.45 0.48 4.67
C LEU A 48 -5.05 1.04 4.77
N LEU A 49 -4.92 2.24 5.35
CA LEU A 49 -3.63 2.75 5.76
C LEU A 49 -3.58 2.69 7.29
N PHE A 50 -2.52 2.07 7.83
CA PHE A 50 -2.31 1.96 9.28
C PHE A 50 -1.47 3.17 9.66
N ASP A 51 -2.16 4.29 9.78
CA ASP A 51 -1.50 5.61 9.75
C ASP A 51 -0.70 5.87 11.00
N ARG A 52 -0.85 5.03 12.03
CA ARG A 52 0.01 5.15 13.20
C ARG A 52 1.00 4.02 13.33
N HIS A 53 1.13 3.19 12.31
CA HIS A 53 2.06 2.09 12.42
C HIS A 53 3.45 2.58 12.03
N PRO A 54 4.48 2.34 12.85
CA PRO A 54 5.79 2.95 12.59
C PRO A 54 6.42 2.49 11.31
N ASP A 55 5.98 1.36 10.75
CA ASP A 55 6.58 0.84 9.52
C ASP A 55 5.88 1.32 8.27
N GLY A 56 4.90 2.22 8.39
CA GLY A 56 4.28 2.83 7.21
C GLY A 56 3.47 1.84 6.42
N VAL A 57 2.56 1.13 7.08
CA VAL A 57 1.92 -0.05 6.49
C VAL A 57 0.58 0.30 5.86
N ALA A 58 0.28 -0.31 4.71
CA ALA A 58 -1.05 -0.31 4.10
C ALA A 58 -1.41 -1.73 3.75
N SER A 59 -2.71 -2.04 3.75
CA SER A 59 -3.16 -3.33 3.21
C SER A 59 -4.16 -3.04 2.09
N VAL A 60 -4.05 -3.80 1.01
CA VAL A 60 -4.95 -3.69 -0.15
C VAL A 60 -5.46 -5.09 -0.43
N SER A 61 -6.76 -5.28 -0.28
N SER A 61 -6.77 -5.26 -0.39
N SER A 61 -6.78 -5.25 -0.41
CA SER A 61 -7.41 -6.52 -0.59
CA SER A 61 -7.42 -6.55 -0.59
CA SER A 61 -7.43 -6.55 -0.57
C SER A 61 -7.95 -6.42 -2.01
C SER A 61 -8.12 -6.54 -1.93
C SER A 61 -8.18 -6.57 -1.90
N PHE A 62 -7.78 -7.49 -2.78
CA PHE A 62 -8.29 -7.54 -4.14
C PHE A 62 -9.34 -8.64 -4.29
N ARG A 63 -10.05 -8.61 -5.43
CA ARG A 63 -11.09 -9.62 -5.71
C ARG A 63 -10.48 -10.99 -6.05
N ASP A 64 -9.34 -11.00 -6.73
CA ASP A 64 -8.71 -12.22 -7.21
C ASP A 64 -7.26 -12.30 -6.78
N PRO A 65 -6.76 -13.50 -6.48
CA PRO A 65 -5.36 -13.61 -6.08
C PRO A 65 -4.39 -13.20 -7.16
N GLU A 66 -4.76 -13.34 -8.44
CA GLU A 66 -3.91 -12.86 -9.54
C GLU A 66 -3.71 -11.35 -9.46
N GLU A 67 -4.72 -10.62 -8.99
CA GLU A 67 -4.62 -9.17 -8.86
C GLU A 67 -3.61 -8.81 -7.79
N ALA A 68 -3.66 -9.52 -6.66
CA ALA A 68 -2.65 -9.33 -5.62
C ALA A 68 -1.25 -9.63 -6.14
N ASP A 69 -1.10 -10.72 -6.91
CA ASP A 69 0.20 -11.03 -7.52
C ASP A 69 0.69 -9.87 -8.41
N TYR A 70 -0.16 -9.35 -9.28
CA TYR A 70 0.24 -8.26 -10.19
C TYR A 70 0.67 -7.04 -9.37
N CYS A 71 -0.08 -6.73 -8.32
CA CYS A 71 0.24 -5.61 -7.44
C CYS A 71 1.60 -5.81 -6.77
N ILE A 72 1.84 -6.99 -6.20
CA ILE A 72 3.10 -7.27 -5.53
C ILE A 72 4.26 -7.16 -6.52
N GLN A 73 4.07 -7.72 -7.72
CA GLN A 73 5.12 -7.69 -8.74
C GLN A 73 5.48 -6.26 -9.08
N THR A 74 4.49 -5.38 -9.15
CA THR A 74 4.71 -4.02 -9.62
C THR A 74 5.21 -3.09 -8.52
N LEU A 75 4.75 -3.28 -7.29
CA LEU A 75 5.05 -2.35 -6.22
C LEU A 75 6.27 -2.71 -5.38
N ASP A 76 6.65 -3.98 -5.31
CA ASP A 76 7.71 -4.33 -4.38
C ASP A 76 9.02 -3.75 -4.89
N GLY A 77 9.69 -2.97 -4.04
CA GLY A 77 10.92 -2.28 -4.40
C GLY A 77 10.73 -0.98 -5.15
N ARG A 78 9.49 -0.58 -5.42
CA ARG A 78 9.24 0.68 -6.10
C ARG A 78 9.45 1.85 -5.13
N TRP A 79 9.69 3.02 -5.71
CA TRP A 79 9.90 4.22 -4.89
C TRP A 79 8.59 4.95 -4.73
N PHE A 80 8.37 5.51 -3.54
CA PHE A 80 7.15 6.27 -3.26
C PHE A 80 7.51 7.40 -2.32
N GLY A 81 7.38 8.65 -2.78
CA GLY A 81 7.63 9.79 -1.90
C GLY A 81 9.00 9.78 -1.27
N GLY A 82 10.00 9.30 -1.99
CA GLY A 82 11.34 9.27 -1.46
C GLY A 82 11.67 8.07 -0.60
N ARG A 83 10.72 7.13 -0.42
CA ARG A 83 10.96 5.91 0.31
C ARG A 83 10.84 4.71 -0.63
N GLN A 84 11.69 3.70 -0.42
CA GLN A 84 11.58 2.44 -1.16
C GLN A 84 10.62 1.53 -0.40
N ILE A 85 9.55 1.11 -1.06
CA ILE A 85 8.49 0.36 -0.39
C ILE A 85 8.71 -1.12 -0.64
N THR A 86 8.15 -1.94 0.23
CA THR A 86 8.00 -3.37 0.02
C THR A 86 6.53 -3.68 -0.19
N ALA A 87 6.25 -4.76 -0.92
CA ALA A 87 4.90 -5.29 -1.06
C ALA A 87 4.98 -6.80 -0.98
N GLN A 88 4.10 -7.41 -0.16
CA GLN A 88 4.14 -8.85 0.05
C GLN A 88 2.74 -9.38 0.31
N ALA A 89 2.52 -10.64 0.00
CA ALA A 89 1.24 -11.25 0.31
C ALA A 89 1.09 -11.34 1.81
N TRP A 90 -0.11 -11.04 2.30
CA TRP A 90 -0.35 -11.10 3.73
C TRP A 90 -0.06 -12.51 4.20
N ASP A 91 0.50 -12.64 5.40
CA ASP A 91 0.78 -13.97 5.93
C ASP A 91 -0.44 -14.62 6.52
N GLY A 92 -1.57 -13.90 6.55
CA GLY A 92 -2.81 -14.42 7.07
C GLY A 92 -2.94 -14.34 8.57
N THR A 93 -1.87 -13.97 9.27
CA THR A 93 -1.87 -13.92 10.74
C THR A 93 -1.57 -12.54 11.28
N THR A 94 -0.56 -11.84 10.74
CA THR A 94 -0.12 -10.59 11.37
C THR A 94 -1.17 -9.50 11.25
N ASP A 95 -1.34 -8.73 12.31
CA ASP A 95 -2.23 -7.57 12.30
C ASP A 95 -1.39 -6.31 12.45
N TYR A 96 -1.96 -5.19 12.06
CA TYR A 96 -1.17 -3.93 11.98
C TYR A 96 -1.86 -2.76 12.66
N ASN B 1 1.63 12.71 -8.43
CA ASN B 1 1.64 11.77 -7.33
C ASN B 1 3.06 11.52 -6.83
N ARG B 2 3.18 10.76 -5.74
CA ARG B 2 4.48 10.46 -5.17
C ARG B 2 5.10 9.18 -5.73
N TRP B 3 4.46 8.52 -6.69
CA TRP B 3 5.05 7.29 -7.22
C TRP B 3 6.37 7.58 -7.91
N ASP B 4 7.36 6.74 -7.61
N ASP B 4 7.34 6.70 -7.67
CA ASP B 4 8.65 6.72 -8.27
CA ASP B 4 8.66 6.78 -8.30
C ASP B 4 9.52 7.92 -7.90
C ASP B 4 9.30 8.16 -8.08
N GLU B 5 9.13 8.69 -6.87
CA GLU B 5 9.94 9.80 -6.38
C GLU B 5 11.11 9.23 -5.59
N THR B 6 12.32 9.62 -5.96
CA THR B 6 13.52 9.23 -5.24
C THR B 6 13.88 10.28 -4.21
N PRO B 7 14.86 10.01 -3.34
CA PRO B 7 15.31 11.00 -2.35
C PRO B 7 15.86 12.27 -3.00
C1 GOL C . -3.14 2.39 13.46
O1 GOL C . -2.12 2.52 12.50
C2 GOL C . -4.45 2.93 12.95
O2 GOL C . -5.37 1.85 12.97
C3 GOL C . -4.94 4.03 13.89
O3 GOL C . -5.47 3.40 15.04
H11 GOL C . -2.86 2.93 14.37
H12 GOL C . -3.26 1.34 13.72
H2 GOL C . -4.33 3.32 11.94
HO2 GOL C . -5.44 1.51 13.88
H31 GOL C . -5.72 4.62 13.39
H32 GOL C . -4.12 4.69 14.15
HO3 GOL C . -5.66 4.08 15.72
C FMT D . -5.59 -7.41 6.43
O1 FMT D . -6.70 -7.84 6.07
O2 FMT D . -5.39 -6.21 6.63
H FMT D . -4.75 -8.09 6.55
HO2 FMT D . -6.12 -5.56 6.53
#